data_3L3K
#
_entry.id   3L3K
#
_cell.length_a   50.581
_cell.length_b   82.084
_cell.length_c   109.230
_cell.angle_alpha   90.00
_cell.angle_beta   90.00
_cell.angle_gamma   90.00
#
_symmetry.space_group_name_H-M   'P 21 21 21'
#
loop_
_entity.id
_entity.type
_entity.pdbx_description
1 polymer 'HLA class I histocompatibility antigen, B-44 alpha chain'
2 polymer Beta-2-microglobulin
3 polymer 'peptide from HLA-DPA1 protein'
4 non-polymer GLYCEROL
5 water water
#
loop_
_entity_poly.entity_id
_entity_poly.type
_entity_poly.pdbx_seq_one_letter_code
_entity_poly.pdbx_strand_id
1 'polypeptide(L)'
;GSHSMRYFYTAMSRPGRGEPRFITVGYVDDTLFVRFDSDATSPRKEPRAPWIEQEGPEYWDRETQISKTNTQTYRENLRT
ALRYYNQSEAGSHIIQRMYGCDVGPDGRLLRGYDQDAYDGKDYIALNEDLSSWTAADTAAQITQRKWEAARVAEQDRAYL
EGLCVESLRRYLENGKETLQRADPPKTHVTHHPISDHEVTLRCWALGFYPAEITLTWQRDGEDQTQDTELVETRPAGDRT
FQKWAAVVVPSGEEQRYTCHVQHEGLPKPLTLRWEP
;
A
2 'polypeptide(L)'
;IQRTPKIQVYSRHPAENGKSNFLNCYVSGFHPSDIEVDLLKNGERIEKVEHSDLSFSKDWSFYLLYYTEFTPTEKDEYAC
RVNHVTLSQPKIVKWDRDM
;
B
3 'polypeptide(L)' EEFGAAASF C
#
# COMPACT_ATOMS: atom_id res chain seq x y z
N GLY A 1 -8.80 19.03 -5.21
CA GLY A 1 -7.46 18.48 -4.85
C GLY A 1 -6.77 17.78 -6.02
N SER A 2 -5.54 17.36 -5.78
CA SER A 2 -4.75 16.64 -6.78
C SER A 2 -5.07 15.15 -6.77
N HIS A 3 -4.76 14.48 -7.88
CA HIS A 3 -5.11 13.07 -8.04
C HIS A 3 -4.05 12.27 -8.77
N SER A 4 -4.06 10.95 -8.57
CA SER A 4 -3.11 10.05 -9.19
C SER A 4 -3.78 8.73 -9.60
N MET A 5 -3.23 8.10 -10.63
CA MET A 5 -3.59 6.73 -10.99
C MET A 5 -2.31 5.90 -11.08
N ARG A 6 -2.31 4.74 -10.42
CA ARG A 6 -1.15 3.85 -10.46
C ARG A 6 -1.54 2.41 -10.74
N TYR A 7 -0.72 1.75 -11.55
CA TYR A 7 -0.80 0.30 -11.70
C TYR A 7 0.46 -0.33 -11.12
N PHE A 8 0.29 -1.44 -10.43
CA PHE A 8 1.39 -2.12 -9.75
C PHE A 8 1.51 -3.56 -10.24
N TYR A 9 2.64 -3.88 -10.88
CA TYR A 9 2.90 -5.24 -11.34
C TYR A 9 3.77 -5.97 -10.34
N THR A 10 3.46 -7.24 -10.09
CA THR A 10 4.34 -8.13 -9.34
C THR A 10 4.45 -9.46 -10.07
N ALA A 11 5.62 -9.73 -10.63
CA ALA A 11 5.91 -11.01 -11.27
C ALA A 11 6.88 -11.82 -10.43
N MET A 12 6.43 -12.97 -9.95
CA MET A 12 7.20 -13.78 -8.99
C MET A 12 7.46 -15.20 -9.51
N SER A 13 8.74 -15.53 -9.68
CA SER A 13 9.13 -16.88 -10.07
C SER A 13 9.07 -17.82 -8.87
N ARG A 14 8.84 -19.10 -9.13
CA ARG A 14 8.69 -20.11 -8.08
C ARG A 14 9.09 -21.49 -8.59
N PRO A 15 10.42 -21.71 -8.77
CA PRO A 15 10.91 -22.96 -9.35
C PRO A 15 10.39 -24.18 -8.60
N GLY A 16 9.91 -25.17 -9.35
CA GLY A 16 9.34 -26.37 -8.76
C GLY A 16 7.87 -26.26 -8.43
N ARG A 17 7.34 -25.03 -8.49
CA ARG A 17 5.96 -24.75 -8.13
C ARG A 17 5.19 -24.07 -9.28
N GLY A 18 5.55 -24.44 -10.50
CA GLY A 18 4.87 -23.93 -11.69
C GLY A 18 5.41 -22.62 -12.21
N GLU A 19 4.73 -22.09 -13.22
CA GLU A 19 5.12 -20.85 -13.89
C GLU A 19 4.94 -19.63 -12.98
N PRO A 20 5.75 -18.57 -13.20
CA PRO A 20 5.70 -17.38 -12.37
C PRO A 20 4.33 -16.72 -12.28
N ARG A 21 3.99 -16.25 -11.08
CA ARG A 21 2.72 -15.59 -10.79
C ARG A 21 2.80 -14.11 -11.17
N PHE A 22 1.78 -13.64 -11.88
CA PHE A 22 1.72 -12.24 -12.30
C PHE A 22 0.45 -11.58 -11.75
N ILE A 23 0.65 -10.54 -10.94
CA ILE A 23 -0.46 -9.81 -10.33
C ILE A 23 -0.43 -8.33 -10.71
N THR A 24 -1.60 -7.79 -11.03
CA THR A 24 -1.75 -6.38 -11.34
C THR A 24 -2.86 -5.79 -10.46
N VAL A 25 -2.56 -4.68 -9.81
CA VAL A 25 -3.56 -3.89 -9.11
C VAL A 25 -3.50 -2.43 -9.57
N GLY A 26 -4.66 -1.82 -9.69
CA GLY A 26 -4.77 -0.43 -10.11
C GLY A 26 -5.38 0.42 -9.02
N TYR A 27 -4.90 1.65 -8.90
CA TYR A 27 -5.37 2.57 -7.88
C TYR A 27 -5.69 3.93 -8.45
N VAL A 28 -6.74 4.55 -7.92
CA VAL A 28 -6.95 5.98 -8.06
C VAL A 28 -6.79 6.55 -6.65
N ASP A 29 -5.79 7.40 -6.48
CA ASP A 29 -5.34 7.85 -5.17
C ASP A 29 -5.11 6.63 -4.29
N ASP A 30 -5.86 6.52 -3.19
CA ASP A 30 -5.70 5.39 -2.26
C ASP A 30 -6.87 4.40 -2.33
N THR A 31 -7.53 4.35 -3.49
CA THR A 31 -8.68 3.48 -3.70
C THR A 31 -8.37 2.47 -4.80
N LEU A 32 -8.51 1.20 -4.46
CA LEU A 32 -8.30 0.10 -5.40
C LEU A 32 -9.53 -0.05 -6.30
N PHE A 33 -9.30 -0.07 -7.61
CA PHE A 33 -10.42 -0.17 -8.54
C PHE A 33 -10.37 -1.37 -9.49
N VAL A 34 -9.17 -1.91 -9.72
CA VAL A 34 -9.01 -3.05 -10.63
C VAL A 34 -7.95 -4.05 -10.15
N ARG A 35 -8.13 -5.32 -10.53
CA ARG A 35 -7.29 -6.41 -10.05
C ARG A 35 -7.16 -7.51 -11.10
N PHE A 36 -5.96 -8.10 -11.19
CA PHE A 36 -5.71 -9.28 -12.00
C PHE A 36 -4.74 -10.23 -11.29
N ASP A 37 -5.03 -11.53 -11.37
CA ASP A 37 -4.20 -12.56 -10.77
C ASP A 37 -4.16 -13.79 -11.68
N SER A 38 -2.96 -14.16 -12.12
CA SER A 38 -2.78 -15.29 -13.03
C SER A 38 -3.08 -16.65 -12.40
N ASP A 39 -3.18 -16.67 -11.07
CA ASP A 39 -3.52 -17.89 -10.33
C ASP A 39 -5.03 -18.03 -10.08
N ALA A 40 -5.82 -17.08 -10.57
CA ALA A 40 -7.28 -17.16 -10.50
C ALA A 40 -7.80 -18.24 -11.43
N THR A 41 -8.97 -18.78 -11.10
CA THR A 41 -9.61 -19.84 -11.89
C THR A 41 -9.80 -19.40 -13.35
N SER A 42 -10.42 -18.24 -13.54
CA SER A 42 -10.56 -17.64 -14.86
C SER A 42 -9.90 -16.27 -14.84
N PRO A 43 -8.58 -16.23 -15.12
CA PRO A 43 -7.78 -15.00 -15.00
C PRO A 43 -8.31 -13.90 -15.91
N ARG A 44 -8.75 -12.81 -15.29
CA ARG A 44 -9.20 -11.61 -16.00
C ARG A 44 -9.19 -10.41 -15.08
N LYS A 45 -9.29 -9.22 -15.67
CA LYS A 45 -9.41 -7.98 -14.91
C LYS A 45 -10.76 -7.92 -14.19
N GLU A 46 -10.72 -7.70 -12.88
CA GLU A 46 -11.91 -7.66 -12.05
C GLU A 46 -12.13 -6.28 -11.43
N PRO A 47 -13.40 -5.84 -11.34
CA PRO A 47 -13.73 -4.57 -10.68
C PRO A 47 -13.57 -4.67 -9.16
N ARG A 48 -13.14 -3.57 -8.54
CA ARG A 48 -12.94 -3.49 -7.09
C ARG A 48 -13.54 -2.20 -6.53
N ALA A 49 -14.23 -1.47 -7.41
CA ALA A 49 -14.90 -0.22 -7.07
C ALA A 49 -16.16 -0.07 -7.94
N PRO A 50 -17.25 0.46 -7.36
CA PRO A 50 -18.52 0.53 -8.09
C PRO A 50 -18.46 1.37 -9.36
N TRP A 51 -17.66 2.43 -9.34
CA TRP A 51 -17.57 3.37 -10.46
C TRP A 51 -16.78 2.87 -11.67
N ILE A 52 -16.16 1.70 -11.56
CA ILE A 52 -15.45 1.08 -12.69
C ILE A 52 -16.31 0.00 -13.37
N GLU A 53 -17.37 -0.41 -12.69
CA GLU A 53 -18.31 -1.41 -13.21
C GLU A 53 -19.07 -0.92 -14.43
N GLN A 54 -19.21 0.41 -14.53
CA GLN A 54 -19.90 1.07 -15.65
C GLN A 54 -19.28 0.71 -17.00
N GLU A 55 -17.95 0.66 -17.04
CA GLU A 55 -17.18 0.44 -18.28
C GLU A 55 -17.71 -0.76 -19.07
N GLY A 56 -17.81 -0.58 -20.39
CA GLY A 56 -18.35 -1.60 -21.29
C GLY A 56 -17.54 -2.89 -21.39
N PRO A 57 -18.08 -3.89 -22.11
CA PRO A 57 -17.43 -5.19 -22.26
C PRO A 57 -16.10 -5.13 -23.02
N GLU A 58 -15.99 -4.18 -23.96
CA GLU A 58 -14.76 -4.00 -24.75
C GLU A 58 -13.60 -3.54 -23.88
N TYR A 59 -13.91 -2.65 -22.93
CA TYR A 59 -12.93 -2.16 -21.96
C TYR A 59 -12.32 -3.32 -21.17
N TRP A 60 -13.17 -4.23 -20.70
CA TRP A 60 -12.74 -5.36 -19.89
C TRP A 60 -11.96 -6.40 -20.69
N ASP A 61 -12.31 -6.55 -21.97
CA ASP A 61 -11.58 -7.45 -22.86
C ASP A 61 -10.16 -6.96 -23.12
N ARG A 62 -10.04 -5.68 -23.46
CA ARG A 62 -8.75 -5.05 -23.72
C ARG A 62 -7.83 -5.15 -22.50
N GLU A 63 -8.39 -4.80 -21.34
CA GLU A 63 -7.65 -4.80 -20.07
C GLU A 63 -7.14 -6.18 -19.66
N THR A 64 -7.97 -7.19 -19.90
CA THR A 64 -7.62 -8.59 -19.62
C THR A 64 -6.51 -9.05 -20.56
N GLN A 65 -6.68 -8.77 -21.86
CA GLN A 65 -5.69 -9.13 -22.87
C GLN A 65 -4.32 -8.54 -22.58
N ILE A 66 -4.29 -7.29 -22.09
CA ILE A 66 -3.05 -6.63 -21.69
C ILE A 66 -2.38 -7.41 -20.54
N SER A 67 -3.19 -7.87 -19.58
CA SER A 67 -2.70 -8.61 -18.43
C SER A 67 -2.24 -10.03 -18.76
N LYS A 68 -2.98 -10.71 -19.63
CA LYS A 68 -2.62 -12.05 -20.09
C LYS A 68 -1.30 -12.03 -20.86
N THR A 69 -1.14 -11.02 -21.72
CA THR A 69 0.09 -10.85 -22.49
C THR A 69 1.26 -10.43 -21.58
N ASN A 70 0.99 -9.55 -20.62
CA ASN A 70 1.99 -9.14 -19.64
C ASN A 70 2.47 -10.30 -18.77
N THR A 71 1.54 -11.20 -18.43
CA THR A 71 1.88 -12.44 -17.72
C THR A 71 2.98 -13.19 -18.45
N GLN A 72 2.85 -13.29 -19.77
CA GLN A 72 3.85 -13.96 -20.60
C GLN A 72 5.13 -13.16 -20.71
N THR A 73 4.99 -11.84 -20.88
CA THR A 73 6.13 -10.94 -21.07
C THR A 73 7.02 -10.90 -19.82
N TYR A 74 6.39 -10.83 -18.66
CA TYR A 74 7.12 -10.72 -17.40
C TYR A 74 7.75 -12.04 -16.95
N ARG A 75 7.27 -13.14 -17.51
CA ARG A 75 7.92 -14.43 -17.33
C ARG A 75 9.22 -14.47 -18.13
N GLU A 76 9.17 -13.96 -19.36
CA GLU A 76 10.35 -13.78 -20.22
C GLU A 76 11.35 -12.85 -19.54
N ASN A 77 10.84 -11.77 -18.94
CA ASN A 77 11.66 -10.81 -18.20
C ASN A 77 12.44 -11.43 -17.05
N LEU A 78 11.76 -12.29 -16.28
CA LEU A 78 12.38 -13.01 -15.16
C LEU A 78 13.50 -13.94 -15.64
N ARG A 79 13.27 -14.60 -16.78
CA ARG A 79 14.30 -15.41 -17.44
C ARG A 79 15.47 -14.54 -17.88
N THR A 80 15.15 -13.41 -18.51
CA THR A 80 16.15 -12.45 -18.96
C THR A 80 17.01 -11.91 -17.81
N ALA A 81 16.36 -11.58 -16.69
CA ALA A 81 17.05 -11.05 -15.52
C ALA A 81 18.04 -12.04 -14.91
N LEU A 82 17.77 -13.33 -15.07
CA LEU A 82 18.65 -14.39 -14.58
C LEU A 82 20.00 -14.37 -15.30
N ARG A 83 19.97 -14.18 -16.62
CA ARG A 83 21.18 -14.10 -17.41
C ARG A 83 21.96 -12.83 -17.07
N TYR A 84 21.23 -11.72 -16.93
CA TYR A 84 21.81 -10.41 -16.63
C TYR A 84 22.60 -10.36 -15.32
N TYR A 85 22.17 -11.16 -14.34
CA TYR A 85 22.84 -11.20 -13.04
C TYR A 85 23.55 -12.54 -12.77
N ASN A 86 23.66 -13.36 -13.82
CA ASN A 86 24.36 -14.66 -13.74
C ASN A 86 23.83 -15.58 -12.63
N GLN A 87 22.50 -15.61 -12.48
CA GLN A 87 21.86 -16.39 -11.43
C GLN A 87 21.32 -17.72 -11.98
N SER A 88 21.19 -18.70 -11.09
CA SER A 88 20.67 -20.03 -11.46
C SER A 88 19.14 -20.04 -11.54
N GLU A 89 18.60 -21.13 -12.09
CA GLU A 89 17.16 -21.28 -12.26
C GLU A 89 16.48 -21.92 -11.04
N ALA A 90 17.22 -21.98 -9.93
CA ALA A 90 16.74 -22.65 -8.71
C ALA A 90 16.11 -21.71 -7.69
N GLY A 91 16.45 -20.43 -7.76
CA GLY A 91 15.95 -19.44 -6.80
C GLY A 91 14.69 -18.71 -7.25
N SER A 92 13.98 -18.16 -6.27
CA SER A 92 12.77 -17.37 -6.53
C SER A 92 13.12 -15.89 -6.64
N HIS A 93 12.55 -15.23 -7.64
CA HIS A 93 12.85 -13.82 -7.90
C HIS A 93 11.59 -13.01 -8.21
N ILE A 94 11.65 -11.71 -7.96
CA ILE A 94 10.50 -10.82 -8.14
C ILE A 94 10.84 -9.59 -8.99
N ILE A 95 10.12 -9.42 -10.10
CA ILE A 95 10.14 -8.15 -10.83
C ILE A 95 8.88 -7.36 -10.47
N GLN A 96 9.07 -6.09 -10.12
CA GLN A 96 7.96 -5.20 -9.82
C GLN A 96 7.95 -3.99 -10.73
N ARG A 97 6.75 -3.58 -11.13
CA ARG A 97 6.58 -2.37 -11.92
C ARG A 97 5.56 -1.43 -11.30
N MET A 98 5.85 -0.14 -11.38
CA MET A 98 5.08 0.90 -10.75
C MET A 98 4.99 2.02 -11.78
N TYR A 99 3.80 2.24 -12.32
CA TYR A 99 3.60 3.27 -13.34
C TYR A 99 2.24 3.96 -13.27
N GLY A 100 2.21 5.20 -13.74
CA GLY A 100 0.99 5.99 -13.75
C GLY A 100 1.25 7.49 -13.84
N CYS A 101 0.18 8.27 -13.64
CA CYS A 101 0.23 9.71 -13.81
C CYS A 101 -0.44 10.46 -12.67
N ASP A 102 0.06 11.66 -12.38
CA ASP A 102 -0.57 12.57 -11.43
C ASP A 102 -1.18 13.74 -12.19
N VAL A 103 -2.38 14.14 -11.78
CA VAL A 103 -3.06 15.29 -12.39
C VAL A 103 -3.35 16.38 -11.36
N GLY A 104 -3.29 17.63 -11.82
CA GLY A 104 -3.63 18.78 -11.00
C GLY A 104 -5.13 18.96 -10.86
N PRO A 105 -5.56 19.93 -10.04
CA PRO A 105 -6.98 20.25 -9.83
C PRO A 105 -7.73 20.51 -11.15
N ASP A 106 -7.01 20.98 -12.16
CA ASP A 106 -7.57 21.27 -13.49
C ASP A 106 -7.66 20.03 -14.37
N GLY A 107 -7.06 18.93 -13.91
CA GLY A 107 -7.05 17.68 -14.67
C GLY A 107 -5.93 17.60 -15.69
N ARG A 108 -4.97 18.51 -15.59
CA ARG A 108 -3.79 18.51 -16.47
C ARG A 108 -2.66 17.69 -15.84
N LEU A 109 -1.82 17.10 -16.68
CA LEU A 109 -0.72 16.26 -16.22
C LEU A 109 0.28 17.03 -15.37
N LEU A 110 0.52 16.53 -14.15
CA LEU A 110 1.56 17.05 -13.28
C LEU A 110 2.90 16.38 -13.59
N ARG A 111 2.91 15.05 -13.52
CA ARG A 111 4.06 14.26 -13.94
C ARG A 111 3.69 12.78 -14.16
N GLY A 112 4.56 12.07 -14.88
CA GLY A 112 4.34 10.65 -15.17
C GLY A 112 5.42 9.76 -14.60
N TYR A 113 5.08 8.49 -14.38
CA TYR A 113 6.01 7.51 -13.82
C TYR A 113 6.00 6.21 -14.60
N ASP A 114 7.16 5.58 -14.69
CA ASP A 114 7.30 4.18 -15.14
C ASP A 114 8.64 3.65 -14.65
N GLN A 115 8.61 2.93 -13.54
CA GLN A 115 9.83 2.34 -12.97
C GLN A 115 9.68 0.89 -12.57
N ASP A 116 10.78 0.15 -12.69
CA ASP A 116 10.81 -1.27 -12.36
C ASP A 116 11.83 -1.54 -11.26
N ALA A 117 11.65 -2.68 -10.59
CA ALA A 117 12.61 -3.17 -9.61
C ALA A 117 12.82 -4.67 -9.78
N TYR A 118 13.99 -5.14 -9.35
CA TYR A 118 14.29 -6.56 -9.33
C TYR A 118 14.73 -6.97 -7.93
N ASP A 119 14.01 -7.92 -7.35
CA ASP A 119 14.20 -8.38 -5.97
C ASP A 119 14.22 -7.24 -4.95
N GLY A 120 13.29 -6.29 -5.12
CA GLY A 120 13.14 -5.17 -4.20
C GLY A 120 14.15 -4.04 -4.37
N LYS A 121 15.05 -4.19 -5.34
CA LYS A 121 16.05 -3.17 -5.63
C LYS A 121 15.72 -2.45 -6.92
N ASP A 122 15.87 -1.12 -6.92
CA ASP A 122 15.67 -0.31 -8.12
C ASP A 122 16.44 -0.90 -9.30
N TYR A 123 15.75 -1.02 -10.44
CA TYR A 123 16.33 -1.58 -11.65
C TYR A 123 16.41 -0.47 -12.70
N ILE A 124 15.26 -0.08 -13.23
CA ILE A 124 15.19 0.99 -14.23
C ILE A 124 14.05 1.95 -13.93
N ALA A 125 14.21 3.21 -14.32
CA ALA A 125 13.20 4.24 -14.07
C ALA A 125 13.15 5.26 -15.21
N LEU A 126 11.94 5.54 -15.69
CA LEU A 126 11.72 6.62 -16.64
C LEU A 126 11.81 7.95 -15.90
N ASN A 127 12.66 8.83 -16.41
CA ASN A 127 12.86 10.15 -15.79
C ASN A 127 11.66 11.09 -16.00
N GLU A 128 11.58 12.11 -15.16
CA GLU A 128 10.45 13.06 -15.19
C GLU A 128 10.21 13.65 -16.58
N ASP A 129 11.27 13.77 -17.38
CA ASP A 129 11.18 14.29 -18.75
C ASP A 129 10.38 13.39 -19.70
N LEU A 130 10.15 12.15 -19.27
CA LEU A 130 9.43 11.13 -20.07
C LEU A 130 10.07 10.86 -21.42
N SER A 131 11.39 10.95 -21.48
CA SER A 131 12.15 10.72 -22.71
C SER A 131 13.51 10.07 -22.45
N SER A 132 13.96 10.10 -21.19
CA SER A 132 15.23 9.47 -20.80
C SER A 132 15.04 8.48 -19.65
N TRP A 133 15.99 7.55 -19.52
CA TRP A 133 15.95 6.49 -18.51
C TRP A 133 17.13 6.60 -17.54
N THR A 134 16.90 6.13 -16.30
CA THR A 134 17.97 5.94 -15.32
C THR A 134 18.06 4.45 -15.00
N ALA A 135 19.25 3.88 -15.23
CA ALA A 135 19.53 2.48 -14.88
C ALA A 135 20.37 2.41 -13.61
N ALA A 136 20.00 1.47 -12.74
CA ALA A 136 20.63 1.35 -11.42
C ALA A 136 22.00 0.68 -11.47
N ASP A 137 22.16 -0.23 -12.43
CA ASP A 137 23.40 -0.99 -12.58
C ASP A 137 23.60 -1.39 -14.05
N THR A 138 24.67 -2.14 -14.31
CA THR A 138 25.07 -2.52 -15.67
C THR A 138 24.10 -3.50 -16.33
N ALA A 139 23.35 -4.24 -15.53
CA ALA A 139 22.32 -5.13 -16.04
C ALA A 139 21.18 -4.32 -16.65
N ALA A 140 20.67 -3.36 -15.87
CA ALA A 140 19.60 -2.48 -16.33
C ALA A 140 20.06 -1.56 -17.46
N GLN A 141 21.38 -1.36 -17.56
CA GLN A 141 21.97 -0.59 -18.65
C GLN A 141 21.77 -1.27 -20.01
N ILE A 142 21.73 -2.60 -19.99
CA ILE A 142 21.42 -3.41 -21.18
C ILE A 142 19.96 -3.24 -21.59
N THR A 143 19.07 -3.22 -20.60
CA THR A 143 17.65 -2.92 -20.80
C THR A 143 17.46 -1.51 -21.35
N GLN A 144 18.20 -0.55 -20.79
CA GLN A 144 18.17 0.82 -21.27
C GLN A 144 18.50 0.93 -22.76
N ARG A 145 19.56 0.23 -23.18
CA ARG A 145 19.98 0.22 -24.58
C ARG A 145 18.88 -0.35 -25.48
N LYS A 146 18.21 -1.39 -25.01
CA LYS A 146 17.12 -2.03 -25.74
C LYS A 146 15.90 -1.12 -25.87
N TRP A 147 15.61 -0.38 -24.81
CA TRP A 147 14.47 0.52 -24.80
C TRP A 147 14.69 1.82 -25.58
N GLU A 148 15.93 2.30 -25.58
CA GLU A 148 16.30 3.50 -26.35
C GLU A 148 16.25 3.26 -27.85
N ALA A 149 16.60 2.04 -28.26
CA ALA A 149 16.54 1.65 -29.67
C ALA A 149 15.09 1.48 -30.14
N ALA A 150 14.24 0.95 -29.26
CA ALA A 150 12.86 0.67 -29.59
C ALA A 150 11.93 1.86 -29.37
N ARG A 151 12.52 3.03 -29.10
CA ARG A 151 11.77 4.27 -28.85
C ARG A 151 10.66 4.09 -27.80
N VAL A 152 11.03 3.49 -26.67
CA VAL A 152 10.06 3.09 -25.65
C VAL A 152 9.59 4.27 -24.79
N ALA A 153 10.52 5.16 -24.44
CA ALA A 153 10.20 6.36 -23.68
C ALA A 153 9.11 7.18 -24.37
N GLU A 154 9.21 7.25 -25.70
CA GLU A 154 8.26 7.98 -26.54
C GLU A 154 6.85 7.38 -26.48
N GLN A 155 6.78 6.07 -26.29
CA GLN A 155 5.51 5.36 -26.14
C GLN A 155 4.88 5.63 -24.79
N ASP A 156 5.71 5.71 -23.76
CA ASP A 156 5.26 6.08 -22.42
C ASP A 156 4.73 7.50 -22.40
N ARG A 157 5.51 8.42 -22.95
CA ARG A 157 5.14 9.84 -23.06
C ARG A 157 3.76 10.01 -23.69
N ALA A 158 3.51 9.31 -24.79
CA ALA A 158 2.24 9.38 -25.50
C ALA A 158 1.08 8.86 -24.66
N TYR A 159 1.33 7.80 -23.88
CA TYR A 159 0.35 7.24 -22.97
C TYR A 159 0.10 8.17 -21.79
N LEU A 160 1.19 8.55 -21.10
CA LEU A 160 1.11 9.38 -19.90
C LEU A 160 0.48 10.75 -20.16
N GLU A 161 0.74 11.32 -21.33
CA GLU A 161 0.14 12.59 -21.72
C GLU A 161 -1.23 12.40 -22.36
N GLY A 162 -1.49 11.19 -22.85
CA GLY A 162 -2.75 10.88 -23.55
C GLY A 162 -3.73 10.08 -22.71
N LEU A 163 -3.68 8.75 -22.87
CA LEU A 163 -4.66 7.84 -22.26
C LEU A 163 -4.68 7.86 -20.73
N CYS A 164 -3.52 8.00 -20.10
CA CYS A 164 -3.42 8.00 -18.64
C CYS A 164 -4.28 9.10 -18.02
N VAL A 165 -4.06 10.34 -18.46
CA VAL A 165 -4.82 11.50 -17.96
C VAL A 165 -6.29 11.49 -18.40
N GLU A 166 -6.54 10.99 -19.61
CA GLU A 166 -7.90 10.91 -20.16
C GLU A 166 -8.81 9.99 -19.35
N SER A 167 -8.32 8.78 -19.07
CA SER A 167 -9.08 7.78 -18.31
C SER A 167 -9.23 8.17 -16.85
N LEU A 168 -8.16 8.73 -16.27
CA LEU A 168 -8.19 9.21 -14.88
C LEU A 168 -9.20 10.34 -14.70
N ARG A 169 -9.35 11.19 -15.72
CA ARG A 169 -10.38 12.22 -15.73
C ARG A 169 -11.79 11.62 -15.75
N ARG A 170 -11.97 10.54 -16.50
CA ARG A 170 -13.24 9.83 -16.58
C ARG A 170 -13.57 9.13 -15.26
N TYR A 171 -12.55 8.47 -14.68
CA TYR A 171 -12.71 7.75 -13.43
C TYR A 171 -13.07 8.69 -12.28
N LEU A 172 -12.41 9.84 -12.23
CA LEU A 172 -12.67 10.86 -11.21
C LEU A 172 -14.09 11.43 -11.30
N GLU A 173 -14.62 11.51 -12.51
CA GLU A 173 -15.98 12.01 -12.74
C GLU A 173 -17.02 11.00 -12.30
N ASN A 174 -16.87 9.75 -12.74
CA ASN A 174 -17.79 8.67 -12.41
C ASN A 174 -17.80 8.33 -10.91
N GLY A 175 -16.65 8.41 -10.28
CA GLY A 175 -16.52 8.10 -8.86
C GLY A 175 -16.42 9.32 -7.96
N LYS A 176 -17.01 10.44 -8.41
CA LYS A 176 -16.90 11.72 -7.72
C LYS A 176 -17.45 11.74 -6.29
N GLU A 177 -18.41 10.86 -6.01
CA GLU A 177 -18.99 10.68 -4.67
C GLU A 177 -17.92 10.36 -3.62
N THR A 178 -16.94 9.54 -4.02
CA THR A 178 -15.95 9.02 -3.09
C THR A 178 -14.53 9.51 -3.38
N LEU A 179 -14.15 9.47 -4.66
CA LEU A 179 -12.79 9.87 -5.06
C LEU A 179 -12.53 11.36 -4.83
N GLN A 180 -13.55 12.18 -5.03
CA GLN A 180 -13.43 13.62 -4.82
C GLN A 180 -14.02 14.05 -3.46
N ARG A 181 -14.22 13.07 -2.58
CA ARG A 181 -14.61 13.36 -1.20
C ARG A 181 -13.47 13.02 -0.26
N ALA A 182 -13.11 13.99 0.57
CA ALA A 182 -12.08 13.77 1.58
C ALA A 182 -12.72 13.66 2.96
N ASP A 183 -12.51 12.52 3.61
CA ASP A 183 -13.03 12.31 4.96
C ASP A 183 -11.99 12.77 5.97
N PRO A 184 -12.35 13.76 6.81
CA PRO A 184 -11.44 14.26 7.83
C PRO A 184 -11.25 13.24 8.96
N PRO A 185 -10.09 13.27 9.63
CA PRO A 185 -9.89 12.38 10.76
C PRO A 185 -10.72 12.77 11.98
N LYS A 186 -11.19 11.75 12.71
CA LYS A 186 -11.74 11.96 14.04
C LYS A 186 -10.56 11.82 14.99
N THR A 187 -10.38 12.81 15.87
CA THR A 187 -9.17 12.87 16.70
C THR A 187 -9.44 13.02 18.20
N HIS A 188 -8.63 12.32 18.99
CA HIS A 188 -8.65 12.44 20.45
C HIS A 188 -7.29 12.04 21.04
N VAL A 189 -7.05 12.44 22.29
CA VAL A 189 -5.81 12.10 22.99
C VAL A 189 -6.08 11.20 24.19
N THR A 190 -5.42 10.04 24.21
CA THR A 190 -5.52 9.11 25.33
C THR A 190 -4.39 9.29 26.34
N HIS A 191 -4.58 8.76 27.54
CA HIS A 191 -3.64 8.95 28.64
C HIS A 191 -3.48 7.63 29.38
N HIS A 192 -2.27 7.08 29.32
CA HIS A 192 -1.93 5.85 30.02
C HIS A 192 -0.66 6.05 30.84
N PRO A 193 -0.74 5.93 32.17
CA PRO A 193 0.45 6.01 33.00
C PRO A 193 1.38 4.81 32.82
N ILE A 194 2.68 5.07 32.77
CA ILE A 194 3.69 4.01 32.74
C ILE A 194 4.20 3.79 34.16
N SER A 195 4.76 4.86 34.73
CA SER A 195 5.31 4.85 36.07
C SER A 195 4.40 5.67 36.97
N ASP A 196 4.93 6.11 38.10
CA ASP A 196 4.26 7.10 38.94
C ASP A 196 4.62 8.51 38.46
N HIS A 197 5.72 8.62 37.73
CA HIS A 197 6.18 9.91 37.19
C HIS A 197 6.33 9.97 35.66
N GLU A 198 5.76 9.00 34.95
CA GLU A 198 5.76 9.00 33.49
C GLU A 198 4.43 8.51 32.90
N VAL A 199 3.93 9.25 31.92
CA VAL A 199 2.66 8.93 31.25
C VAL A 199 2.78 8.94 29.73
N THR A 200 2.02 8.06 29.07
CA THR A 200 1.98 8.00 27.60
C THR A 200 0.75 8.75 27.09
N LEU A 201 1.00 9.79 26.30
CA LEU A 201 -0.06 10.48 25.60
C LEU A 201 -0.06 10.01 24.16
N ARG A 202 -1.21 9.49 23.71
CA ARG A 202 -1.34 9.00 22.35
C ARG A 202 -2.40 9.80 21.60
N CYS A 203 -1.99 10.36 20.47
CA CYS A 203 -2.87 11.16 19.64
C CYS A 203 -3.41 10.33 18.49
N TRP A 204 -4.72 10.08 18.51
CA TRP A 204 -5.37 9.24 17.52
C TRP A 204 -5.95 10.02 16.35
N ALA A 205 -5.85 9.43 15.16
CA ALA A 205 -6.53 9.91 13.97
C ALA A 205 -7.22 8.72 13.30
N LEU A 206 -8.54 8.76 13.27
CA LEU A 206 -9.34 7.65 12.76
C LEU A 206 -10.31 8.08 11.66
N GLY A 207 -10.65 7.14 10.79
CA GLY A 207 -11.69 7.31 9.78
C GLY A 207 -11.41 8.37 8.72
N PHE A 208 -10.16 8.50 8.33
CA PHE A 208 -9.79 9.52 7.35
C PHE A 208 -9.40 8.97 5.98
N TYR A 209 -9.79 9.71 4.95
CA TYR A 209 -9.40 9.44 3.57
C TYR A 209 -9.11 10.78 2.89
N PRO A 210 -8.02 10.87 2.10
CA PRO A 210 -7.03 9.83 1.77
C PRO A 210 -6.04 9.54 2.90
N ALA A 211 -5.04 8.72 2.62
CA ALA A 211 -4.09 8.24 3.62
C ALA A 211 -3.12 9.32 4.12
N GLU A 212 -2.74 10.25 3.24
CA GLU A 212 -1.79 11.30 3.56
C GLU A 212 -2.23 12.14 4.77
N ILE A 213 -1.41 12.14 5.81
CA ILE A 213 -1.72 12.81 7.07
C ILE A 213 -0.44 13.13 7.82
N THR A 214 -0.47 14.20 8.62
CA THR A 214 0.66 14.56 9.46
C THR A 214 0.24 14.70 10.92
N LEU A 215 0.90 13.93 11.79
CA LEU A 215 0.68 14.02 13.23
C LEU A 215 2.01 14.33 13.93
N THR A 216 2.04 15.43 14.67
CA THR A 216 3.23 15.83 15.40
C THR A 216 2.88 16.24 16.83
N TRP A 217 3.75 15.86 17.76
CA TRP A 217 3.65 16.33 19.14
C TRP A 217 4.62 17.48 19.39
N GLN A 218 4.13 18.50 20.08
CA GLN A 218 4.96 19.63 20.46
C GLN A 218 5.04 19.78 21.98
N ARG A 219 6.24 20.04 22.47
CA ARG A 219 6.47 20.34 23.88
C ARG A 219 6.82 21.82 23.97
N ASP A 220 5.90 22.60 24.53
CA ASP A 220 6.03 24.06 24.62
C ASP A 220 6.18 24.71 23.24
N GLY A 221 5.39 24.24 22.28
CA GLY A 221 5.43 24.72 20.90
C GLY A 221 6.68 24.31 20.13
N GLU A 222 7.34 23.25 20.60
CA GLU A 222 8.56 22.74 19.98
C GLU A 222 8.41 21.28 19.56
N ASP A 223 8.69 20.99 18.30
CA ASP A 223 8.56 19.65 17.74
C ASP A 223 9.34 18.59 18.52
N GLN A 224 8.76 17.41 18.62
CA GLN A 224 9.35 16.29 19.37
C GLN A 224 9.62 15.11 18.44
N THR A 225 10.10 15.42 17.24
CA THR A 225 10.34 14.43 16.18
C THR A 225 11.09 13.18 16.67
N GLN A 226 12.21 13.42 17.34
CA GLN A 226 13.09 12.33 17.78
C GLN A 226 12.60 11.61 19.04
N ASP A 227 11.55 12.16 19.66
CA ASP A 227 10.97 11.57 20.88
C ASP A 227 9.54 11.06 20.69
N THR A 228 8.97 11.27 19.51
CA THR A 228 7.63 10.79 19.19
C THR A 228 7.68 9.41 18.55
N GLU A 229 6.91 8.48 19.10
CA GLU A 229 6.69 7.18 18.46
C GLU A 229 5.52 7.31 17.49
N LEU A 230 5.77 6.97 16.23
CA LEU A 230 4.83 7.20 15.15
C LEU A 230 4.65 5.95 14.31
N VAL A 231 3.48 5.31 14.45
CA VAL A 231 3.20 4.07 13.70
C VAL A 231 2.75 4.35 12.27
N GLU A 232 3.05 3.40 11.39
CA GLU A 232 2.67 3.47 9.99
C GLU A 232 1.16 3.59 9.82
N THR A 233 0.74 4.40 8.85
CA THR A 233 -0.67 4.56 8.52
C THR A 233 -1.24 3.21 8.08
N ARG A 234 -2.31 2.80 8.74
CA ARG A 234 -2.95 1.50 8.49
C ARG A 234 -4.37 1.67 7.97
N PRO A 235 -4.83 0.76 7.08
CA PRO A 235 -6.20 0.81 6.59
C PRO A 235 -7.20 0.19 7.56
N ALA A 236 -8.37 0.83 7.71
CA ALA A 236 -9.41 0.35 8.61
C ALA A 236 -10.22 -0.80 8.00
N GLY A 237 -10.29 -0.86 6.67
CA GLY A 237 -11.02 -1.90 5.96
C GLY A 237 -12.31 -1.40 5.34
N ASP A 238 -12.60 -0.12 5.55
CA ASP A 238 -13.82 0.52 5.04
C ASP A 238 -13.49 1.69 4.13
N ARG A 239 -12.32 1.65 3.51
CA ARG A 239 -11.76 2.75 2.71
C ARG A 239 -10.89 3.72 3.51
N THR A 240 -11.26 3.96 4.77
CA THR A 240 -10.56 4.93 5.61
C THR A 240 -9.25 4.40 6.17
N PHE A 241 -8.51 5.28 6.84
CA PHE A 241 -7.20 4.95 7.37
C PHE A 241 -7.06 5.35 8.84
N GLN A 242 -6.04 4.81 9.51
CA GLN A 242 -5.79 5.07 10.93
C GLN A 242 -4.32 5.36 11.17
N LYS A 243 -4.03 6.22 12.15
CA LYS A 243 -2.66 6.50 12.57
C LYS A 243 -2.66 7.05 14.01
N TRP A 244 -1.58 6.79 14.74
CA TRP A 244 -1.36 7.45 16.02
C TRP A 244 0.08 7.87 16.29
N ALA A 245 0.21 8.97 17.04
CA ALA A 245 1.51 9.45 17.52
C ALA A 245 1.51 9.42 19.04
N ALA A 246 2.61 8.95 19.63
CA ALA A 246 2.71 8.86 21.09
C ALA A 246 3.99 9.48 21.63
N VAL A 247 3.88 10.03 22.83
CA VAL A 247 5.04 10.59 23.55
C VAL A 247 5.05 10.17 25.02
N VAL A 248 6.24 9.89 25.52
CA VAL A 248 6.47 9.61 26.93
C VAL A 248 6.63 10.95 27.65
N VAL A 249 5.75 11.19 28.62
CA VAL A 249 5.62 12.51 29.25
C VAL A 249 5.74 12.42 30.79
N PRO A 250 6.50 13.34 31.42
CA PRO A 250 6.53 13.40 32.88
C PRO A 250 5.18 13.83 33.44
N SER A 251 4.69 13.10 34.44
CA SER A 251 3.37 13.39 35.01
C SER A 251 3.32 14.77 35.67
N GLY A 252 2.26 15.50 35.38
CA GLY A 252 2.13 16.89 35.79
C GLY A 252 2.35 17.84 34.63
N GLU A 253 3.09 17.38 33.62
CA GLU A 253 3.48 18.22 32.48
C GLU A 253 2.64 17.99 31.22
N GLU A 254 1.53 17.27 31.35
CA GLU A 254 0.68 16.90 30.21
C GLU A 254 0.18 18.10 29.41
N GLN A 255 -0.11 19.21 30.09
CA GLN A 255 -0.67 20.39 29.44
C GLN A 255 0.35 21.21 28.65
N ARG A 256 1.61 20.80 28.73
CA ARG A 256 2.68 21.42 27.95
C ARG A 256 2.80 20.78 26.55
N TYR A 257 2.08 19.68 26.35
CA TYR A 257 2.14 18.92 25.11
C TYR A 257 0.89 19.11 24.27
N THR A 258 1.06 19.43 22.99
CA THR A 258 -0.06 19.61 22.07
C THR A 258 0.13 18.79 20.81
N CYS A 259 -0.93 18.08 20.41
CA CYS A 259 -0.94 17.32 19.17
C CYS A 259 -1.38 18.20 18.02
N HIS A 260 -0.67 18.06 16.89
CA HIS A 260 -0.97 18.84 15.70
C HIS A 260 -1.31 17.92 14.53
N VAL A 261 -2.42 18.21 13.86
CA VAL A 261 -2.98 17.33 12.83
C VAL A 261 -3.16 18.07 11.50
N GLN A 262 -2.59 17.50 10.44
CA GLN A 262 -2.71 18.06 9.09
C GLN A 262 -3.30 17.02 8.14
N HIS A 263 -4.42 17.36 7.52
CA HIS A 263 -5.10 16.50 6.55
C HIS A 263 -5.91 17.35 5.59
N GLU A 264 -6.03 16.90 4.34
CA GLU A 264 -6.70 17.67 3.30
C GLU A 264 -8.20 17.86 3.51
N GLY A 265 -8.80 17.00 4.34
CA GLY A 265 -10.22 17.09 4.70
C GLY A 265 -10.52 18.18 5.71
N LEU A 266 -9.48 18.71 6.34
CA LEU A 266 -9.62 19.78 7.33
C LEU A 266 -9.29 21.13 6.70
N PRO A 267 -10.20 22.12 6.84
CA PRO A 267 -9.96 23.46 6.33
C PRO A 267 -8.82 24.16 7.06
N LYS A 268 -8.64 23.82 8.34
CA LYS A 268 -7.54 24.33 9.14
C LYS A 268 -6.90 23.19 9.94
N PRO A 269 -5.56 23.26 10.14
CA PRO A 269 -4.86 22.27 10.98
C PRO A 269 -5.38 22.28 12.41
N LEU A 270 -5.46 21.10 13.01
CA LEU A 270 -6.05 20.94 14.35
C LEU A 270 -5.00 20.85 15.45
N THR A 271 -5.28 21.54 16.56
CA THR A 271 -4.45 21.47 17.75
C THR A 271 -5.30 20.88 18.88
N LEU A 272 -4.86 19.74 19.41
CA LEU A 272 -5.59 19.09 20.51
C LEU A 272 -4.71 18.68 21.69
N ARG A 273 -5.31 18.62 22.87
CA ARG A 273 -4.61 18.28 24.10
C ARG A 273 -5.28 17.11 24.81
N TRP A 274 -4.64 16.61 25.86
CA TRP A 274 -5.27 15.68 26.78
C TRP A 274 -6.32 16.44 27.58
N GLU A 275 -7.57 16.01 27.46
CA GLU A 275 -8.68 16.61 28.18
C GLU A 275 -9.04 15.75 29.38
N PRO A 276 -8.59 16.16 30.59
CA PRO A 276 -8.80 15.35 31.78
C PRO A 276 -10.29 15.27 32.16
N ILE B 1 18.89 -7.66 0.98
CA ILE B 1 18.21 -8.66 0.12
C ILE B 1 16.76 -8.86 0.56
N GLN B 2 16.55 -9.03 1.87
CA GLN B 2 15.23 -9.35 2.42
C GLN B 2 14.84 -8.43 3.58
N ARG B 3 13.56 -8.07 3.64
CA ARG B 3 13.05 -7.19 4.69
C ARG B 3 11.96 -7.86 5.51
N THR B 4 11.99 -7.62 6.82
CA THR B 4 11.06 -8.26 7.76
C THR B 4 9.73 -7.50 7.86
N PRO B 5 8.61 -8.22 8.01
CA PRO B 5 7.30 -7.57 8.10
C PRO B 5 7.06 -6.79 9.38
N LYS B 6 6.41 -5.63 9.24
CA LYS B 6 5.86 -4.88 10.37
C LYS B 6 4.45 -5.41 10.62
N ILE B 7 4.06 -5.49 11.90
CA ILE B 7 2.76 -6.06 12.26
C ILE B 7 1.97 -5.11 13.16
N GLN B 8 0.74 -4.82 12.74
CA GLN B 8 -0.21 -4.08 13.58
C GLN B 8 -1.52 -4.84 13.71
N VAL B 9 -1.94 -5.08 14.96
CA VAL B 9 -3.21 -5.74 15.27
C VAL B 9 -4.15 -4.73 15.90
N TYR B 10 -5.31 -4.55 15.27
CA TYR B 10 -6.24 -3.46 15.63
C TYR B 10 -7.64 -3.74 15.11
N SER B 11 -8.61 -2.99 15.63
CA SER B 11 -10.00 -3.09 15.20
C SER B 11 -10.37 -1.95 14.24
N ARG B 12 -11.37 -2.21 13.38
CA ARG B 12 -11.86 -1.22 12.42
C ARG B 12 -12.52 -0.03 13.13
N HIS B 13 -13.25 -0.33 14.19
CA HIS B 13 -13.94 0.68 15.00
C HIS B 13 -13.37 0.66 16.42
N PRO B 14 -13.68 1.68 17.24
CA PRO B 14 -13.29 1.59 18.65
C PRO B 14 -13.87 0.33 19.31
N ALA B 15 -13.03 -0.40 20.04
CA ALA B 15 -13.44 -1.67 20.65
C ALA B 15 -14.46 -1.46 21.76
N GLU B 16 -15.59 -2.16 21.63
CA GLU B 16 -16.69 -2.08 22.61
C GLU B 16 -17.31 -3.47 22.79
N ASN B 17 -17.30 -3.96 24.04
CA ASN B 17 -17.76 -5.31 24.36
C ASN B 17 -19.23 -5.56 24.02
N GLY B 18 -19.48 -6.65 23.30
CA GLY B 18 -20.83 -7.02 22.87
C GLY B 18 -21.21 -6.48 21.49
N LYS B 19 -20.42 -5.54 21.00
CA LYS B 19 -20.66 -4.93 19.68
C LYS B 19 -19.86 -5.63 18.59
N SER B 20 -20.50 -5.84 17.44
CA SER B 20 -19.85 -6.49 16.30
C SER B 20 -18.80 -5.56 15.67
N ASN B 21 -17.66 -6.14 15.31
CA ASN B 21 -16.51 -5.37 14.83
C ASN B 21 -15.68 -6.19 13.83
N PHE B 22 -14.63 -5.58 13.29
CA PHE B 22 -13.70 -6.25 12.39
C PHE B 22 -12.29 -6.24 12.98
N LEU B 23 -11.70 -7.44 13.10
CA LEU B 23 -10.33 -7.57 13.56
C LEU B 23 -9.38 -7.50 12.36
N ASN B 24 -8.40 -6.60 12.44
CA ASN B 24 -7.44 -6.41 11.36
C ASN B 24 -6.02 -6.79 11.79
N CYS B 25 -5.30 -7.41 10.85
CA CYS B 25 -3.85 -7.57 10.96
C CYS B 25 -3.20 -7.05 9.69
N TYR B 26 -2.42 -5.98 9.85
CA TYR B 26 -1.80 -5.30 8.72
C TYR B 26 -0.31 -5.58 8.70
N VAL B 27 0.11 -6.37 7.71
CA VAL B 27 1.52 -6.67 7.51
C VAL B 27 2.08 -5.80 6.39
N SER B 28 3.24 -5.19 6.64
CA SER B 28 3.84 -4.26 5.71
C SER B 28 5.36 -4.24 5.84
N GLY B 29 6.02 -3.59 4.87
CA GLY B 29 7.47 -3.42 4.89
C GLY B 29 8.28 -4.67 4.66
N PHE B 30 7.66 -5.71 4.08
CA PHE B 30 8.35 -6.99 3.87
C PHE B 30 8.68 -7.28 2.40
N HIS B 31 9.76 -8.05 2.22
CA HIS B 31 10.20 -8.52 0.91
C HIS B 31 11.04 -9.77 1.15
N PRO B 32 10.79 -10.86 0.38
CA PRO B 32 9.81 -11.05 -0.69
C PRO B 32 8.35 -11.15 -0.23
N SER B 33 7.45 -11.39 -1.18
CA SER B 33 6.01 -11.30 -0.97
C SER B 33 5.38 -12.43 -0.17
N ASP B 34 5.95 -13.63 -0.26
CA ASP B 34 5.40 -14.79 0.43
C ASP B 34 5.35 -14.57 1.95
N ILE B 35 4.15 -14.72 2.50
CA ILE B 35 3.93 -14.51 3.93
C ILE B 35 2.78 -15.40 4.41
N GLU B 36 2.88 -15.82 5.67
CA GLU B 36 1.85 -16.65 6.28
C GLU B 36 1.25 -15.87 7.45
N VAL B 37 -0.07 -15.65 7.41
CA VAL B 37 -0.74 -14.86 8.44
C VAL B 37 -1.96 -15.58 8.99
N ASP B 38 -1.98 -15.76 10.30
CA ASP B 38 -3.11 -16.35 11.01
C ASP B 38 -3.66 -15.38 12.03
N LEU B 39 -4.99 -15.23 12.06
CA LEU B 39 -5.65 -14.53 13.16
C LEU B 39 -6.09 -15.56 14.19
N LEU B 40 -5.77 -15.29 15.46
CA LEU B 40 -6.01 -16.24 16.54
C LEU B 40 -7.09 -15.76 17.52
N LYS B 41 -7.89 -16.72 17.98
CA LYS B 41 -8.90 -16.48 19.01
C LYS B 41 -8.62 -17.44 20.17
N ASN B 42 -7.99 -16.91 21.21
CA ASN B 42 -7.55 -17.70 22.37
C ASN B 42 -6.58 -18.83 21.99
N GLY B 43 -5.61 -18.50 21.15
CA GLY B 43 -4.57 -19.44 20.73
C GLY B 43 -4.94 -20.35 19.58
N GLU B 44 -6.18 -20.25 19.10
CA GLU B 44 -6.69 -21.12 18.04
C GLU B 44 -7.07 -20.33 16.78
N ARG B 45 -6.74 -20.90 15.62
CA ARG B 45 -6.89 -20.24 14.33
C ARG B 45 -8.34 -19.98 13.92
N ILE B 46 -8.65 -18.73 13.56
CA ILE B 46 -9.97 -18.39 13.01
C ILE B 46 -10.08 -18.88 11.57
N GLU B 47 -11.17 -19.59 11.28
CA GLU B 47 -11.43 -20.10 9.93
C GLU B 47 -11.87 -19.00 8.97
N LYS B 48 -11.55 -19.20 7.69
CA LYS B 48 -12.00 -18.32 6.61
C LYS B 48 -11.72 -16.84 6.86
N VAL B 49 -10.44 -16.54 7.09
CA VAL B 49 -9.98 -15.16 7.21
C VAL B 49 -9.75 -14.61 5.80
N GLU B 50 -10.23 -13.38 5.57
CA GLU B 50 -10.09 -12.76 4.26
C GLU B 50 -8.90 -11.79 4.22
N HIS B 51 -8.34 -11.60 3.03
CA HIS B 51 -7.21 -10.69 2.86
C HIS B 51 -7.31 -9.83 1.60
N SER B 52 -6.74 -8.63 1.67
CA SER B 52 -6.67 -7.71 0.55
C SER B 52 -5.72 -8.24 -0.53
N ASP B 53 -5.80 -7.65 -1.72
CA ASP B 53 -4.97 -8.09 -2.84
C ASP B 53 -3.56 -7.52 -2.73
N LEU B 54 -2.57 -8.35 -3.03
CA LEU B 54 -1.16 -7.99 -2.88
C LEU B 54 -0.82 -6.67 -3.57
N SER B 55 -0.20 -5.78 -2.80
CA SER B 55 0.20 -4.46 -3.26
C SER B 55 1.53 -4.11 -2.61
N PHE B 56 2.12 -2.98 -2.99
CA PHE B 56 3.41 -2.56 -2.44
C PHE B 56 3.64 -1.05 -2.42
N SER B 57 4.44 -0.61 -1.45
CA SER B 57 4.73 0.81 -1.25
C SER B 57 5.78 1.33 -2.22
N LYS B 58 6.07 2.63 -2.13
CA LYS B 58 7.04 3.30 -3.01
C LYS B 58 8.44 2.68 -2.94
N ASP B 59 8.80 2.14 -1.78
CA ASP B 59 10.10 1.49 -1.59
C ASP B 59 10.07 0.02 -1.98
N TRP B 60 9.02 -0.37 -2.71
CA TRP B 60 8.84 -1.72 -3.26
C TRP B 60 8.45 -2.77 -2.21
N SER B 61 8.35 -2.38 -0.95
CA SER B 61 7.97 -3.30 0.12
C SER B 61 6.48 -3.58 0.10
N PHE B 62 6.11 -4.84 0.28
CA PHE B 62 4.72 -5.29 0.16
C PHE B 62 3.90 -4.98 1.39
N TYR B 63 2.58 -4.86 1.19
CA TYR B 63 1.64 -4.76 2.31
C TYR B 63 0.35 -5.52 2.05
N LEU B 64 -0.16 -6.16 3.09
CA LEU B 64 -1.40 -6.93 3.02
C LEU B 64 -2.25 -6.70 4.27
N LEU B 65 -3.57 -6.71 4.08
CA LEU B 65 -4.50 -6.60 5.20
C LEU B 65 -5.29 -7.91 5.37
N TYR B 66 -5.13 -8.53 6.53
CA TYR B 66 -5.92 -9.71 6.90
C TYR B 66 -7.01 -9.30 7.87
N TYR B 67 -8.22 -9.78 7.63
CA TYR B 67 -9.38 -9.34 8.41
C TYR B 67 -10.45 -10.41 8.61
N THR B 68 -11.19 -10.29 9.71
CA THR B 68 -12.32 -11.15 10.02
C THR B 68 -13.29 -10.41 10.94
N GLU B 69 -14.58 -10.75 10.82
CA GLU B 69 -15.60 -10.21 11.71
C GLU B 69 -15.46 -10.84 13.09
N PHE B 70 -15.62 -10.03 14.13
CA PHE B 70 -15.51 -10.51 15.51
C PHE B 70 -16.28 -9.66 16.52
N THR B 71 -16.75 -10.30 17.59
CA THR B 71 -17.39 -9.59 18.68
C THR B 71 -16.51 -9.66 19.93
N PRO B 72 -15.83 -8.54 20.26
CA PRO B 72 -14.91 -8.49 21.39
C PRO B 72 -15.60 -8.66 22.74
N THR B 73 -14.94 -9.38 23.64
CA THR B 73 -15.38 -9.49 25.04
C THR B 73 -14.18 -9.16 25.95
N GLU B 74 -14.41 -9.19 27.25
CA GLU B 74 -13.35 -8.89 28.22
C GLU B 74 -12.33 -10.01 28.34
N LYS B 75 -12.81 -11.25 28.25
CA LYS B 75 -11.96 -12.44 28.44
C LYS B 75 -11.24 -12.92 27.18
N ASP B 76 -11.91 -12.80 26.03
CA ASP B 76 -11.37 -13.30 24.75
C ASP B 76 -10.07 -12.61 24.33
N GLU B 77 -9.01 -13.40 24.19
CA GLU B 77 -7.73 -12.89 23.73
C GLU B 77 -7.63 -13.06 22.21
N TYR B 78 -7.14 -12.03 21.54
CA TYR B 78 -6.90 -12.10 20.10
C TYR B 78 -5.46 -11.77 19.78
N ALA B 79 -4.94 -12.41 18.73
CA ALA B 79 -3.57 -12.21 18.29
C ALA B 79 -3.42 -12.42 16.79
N CYS B 80 -2.27 -12.01 16.26
CA CYS B 80 -1.93 -12.26 14.86
C CYS B 80 -0.61 -13.01 14.79
N ARG B 81 -0.62 -14.16 14.14
CA ARG B 81 0.57 -14.98 13.98
C ARG B 81 1.09 -14.83 12.54
N VAL B 82 2.35 -14.40 12.43
CA VAL B 82 2.95 -14.10 11.14
C VAL B 82 4.23 -14.91 10.94
N ASN B 83 4.37 -15.48 9.75
CA ASN B 83 5.59 -16.18 9.36
C ASN B 83 6.11 -15.69 8.01
N HIS B 84 7.42 -15.50 7.94
CA HIS B 84 8.09 -14.94 6.77
C HIS B 84 9.53 -15.46 6.73
N VAL B 85 10.09 -15.54 5.53
CA VAL B 85 11.44 -16.08 5.34
C VAL B 85 12.51 -15.40 6.22
N THR B 86 12.28 -14.14 6.58
CA THR B 86 13.19 -13.41 7.47
C THR B 86 13.14 -13.90 8.91
N LEU B 87 12.02 -14.51 9.29
CA LEU B 87 11.79 -14.95 10.67
C LEU B 87 12.10 -16.43 10.85
N SER B 88 13.00 -16.72 11.79
CA SER B 88 13.37 -18.10 12.11
C SER B 88 12.24 -18.84 12.84
N GLN B 89 11.32 -18.07 13.41
CA GLN B 89 10.16 -18.60 14.10
C GLN B 89 8.95 -17.70 13.88
N PRO B 90 7.73 -18.27 13.90
CA PRO B 90 6.51 -17.47 13.76
C PRO B 90 6.40 -16.40 14.85
N LYS B 91 6.09 -15.18 14.42
CA LYS B 91 5.95 -14.05 15.35
C LYS B 91 4.47 -13.80 15.67
N ILE B 92 4.16 -13.79 16.96
CA ILE B 92 2.79 -13.58 17.43
C ILE B 92 2.67 -12.24 18.14
N VAL B 93 1.75 -11.41 17.66
CA VAL B 93 1.50 -10.09 18.24
C VAL B 93 0.08 -10.05 18.81
N LYS B 94 -0.02 -9.78 20.11
CA LYS B 94 -1.30 -9.73 20.81
C LYS B 94 -2.08 -8.48 20.44
N TRP B 95 -3.40 -8.59 20.41
CA TRP B 95 -4.26 -7.44 20.16
C TRP B 95 -4.42 -6.60 21.44
N ASP B 96 -4.17 -5.31 21.31
CA ASP B 96 -4.34 -4.35 22.40
C ASP B 96 -5.36 -3.32 21.94
N ARG B 97 -6.50 -3.26 22.63
CA ARG B 97 -7.58 -2.35 22.26
C ARG B 97 -7.23 -0.87 22.45
N ASP B 98 -6.09 -0.61 23.07
CA ASP B 98 -5.60 0.76 23.29
C ASP B 98 -4.44 1.13 22.36
N MET B 99 -4.18 0.28 21.37
CA MET B 99 -3.10 0.50 20.41
C MET B 99 -3.52 0.19 18.97
N GLU C 1 -7.22 3.28 -17.38
CA GLU C 1 -6.83 2.35 -18.47
C GLU C 1 -5.33 2.11 -18.50
N GLU C 2 -4.95 0.85 -18.68
CA GLU C 2 -3.56 0.44 -18.72
C GLU C 2 -2.87 0.82 -20.02
N PHE C 3 -1.55 0.91 -19.95
CA PHE C 3 -0.71 1.13 -21.12
C PHE C 3 -0.56 -0.19 -21.87
N GLY C 4 -1.06 -0.21 -23.11
CA GLY C 4 -1.17 -1.42 -23.91
C GLY C 4 0.14 -2.12 -24.24
N ALA C 5 1.02 -1.40 -24.93
CA ALA C 5 2.31 -1.97 -25.33
C ALA C 5 3.29 -2.04 -24.16
N ALA C 6 3.86 -3.22 -23.95
CA ALA C 6 4.93 -3.40 -22.96
C ALA C 6 6.23 -3.75 -23.67
N ALA C 7 7.35 -3.51 -23.00
CA ALA C 7 8.67 -3.75 -23.60
C ALA C 7 9.46 -4.80 -22.83
N SER C 8 10.11 -5.68 -23.57
CA SER C 8 10.92 -6.75 -23.00
C SER C 8 12.15 -6.18 -22.28
N PHE C 9 12.58 -6.86 -21.22
CA PHE C 9 13.77 -6.47 -20.47
C PHE C 9 15.04 -6.69 -21.28
#